data_7N2D
# 
_entry.id   7N2D 
# 
_audit_conform.dict_name       mmcif_pdbx.dic 
_audit_conform.dict_version    5.392 
_audit_conform.dict_location   http://mmcif.pdb.org/dictionaries/ascii/mmcif_pdbx.dic 
# 
loop_
_database_2.database_id 
_database_2.database_code 
_database_2.pdbx_database_accession 
_database_2.pdbx_DOI 
PDB   7N2D         pdb_00007n2d 10.2210/pdb7n2d/pdb 
WWPDB D_1000254642 ?            ?                   
# 
loop_
_pdbx_audit_revision_history.ordinal 
_pdbx_audit_revision_history.data_content_type 
_pdbx_audit_revision_history.major_revision 
_pdbx_audit_revision_history.minor_revision 
_pdbx_audit_revision_history.revision_date 
1 'Structure model' 1 0 2022-06-01 
2 'Structure model' 1 1 2023-05-10 
3 'Structure model' 1 2 2024-05-22 
# 
_pdbx_audit_revision_details.ordinal             1 
_pdbx_audit_revision_details.revision_ordinal    1 
_pdbx_audit_revision_details.data_content_type   'Structure model' 
_pdbx_audit_revision_details.provider            repository 
_pdbx_audit_revision_details.type                'Initial release' 
_pdbx_audit_revision_details.description         ? 
_pdbx_audit_revision_details.details             ? 
# 
loop_
_pdbx_audit_revision_group.ordinal 
_pdbx_audit_revision_group.revision_ordinal 
_pdbx_audit_revision_group.data_content_type 
_pdbx_audit_revision_group.group 
1 2 'Structure model' 'Database references' 
2 3 'Structure model' 'Data collection'     
# 
loop_
_pdbx_audit_revision_category.ordinal 
_pdbx_audit_revision_category.revision_ordinal 
_pdbx_audit_revision_category.data_content_type 
_pdbx_audit_revision_category.category 
1 2 'Structure model' citation        
2 2 'Structure model' citation_author 
3 3 'Structure model' chem_comp_atom  
4 3 'Structure model' chem_comp_bond  
# 
loop_
_pdbx_audit_revision_item.ordinal 
_pdbx_audit_revision_item.revision_ordinal 
_pdbx_audit_revision_item.data_content_type 
_pdbx_audit_revision_item.item 
1  2 'Structure model' '_citation.country'                 
2  2 'Structure model' '_citation.journal_abbrev'          
3  2 'Structure model' '_citation.journal_id_CSD'          
4  2 'Structure model' '_citation.journal_id_ISSN'         
5  2 'Structure model' '_citation.journal_volume'          
6  2 'Structure model' '_citation.page_first'              
7  2 'Structure model' '_citation.page_last'               
8  2 'Structure model' '_citation.pdbx_database_id_DOI'    
9  2 'Structure model' '_citation.pdbx_database_id_PubMed' 
10 2 'Structure model' '_citation.title'                   
11 2 'Structure model' '_citation.year'                    
12 2 'Structure model' '_citation_author.identifier_ORCID' 
13 2 'Structure model' '_citation_author.name'             
# 
_pdbx_database_status.status_code                     REL 
_pdbx_database_status.status_code_sf                  REL 
_pdbx_database_status.status_code_mr                  ? 
_pdbx_database_status.entry_id                        7N2D 
_pdbx_database_status.recvd_initial_deposition_date   2021-05-28 
_pdbx_database_status.SG_entry                        N 
_pdbx_database_status.deposit_site                    RCSB 
_pdbx_database_status.process_site                    RCSB 
_pdbx_database_status.status_code_cs                  ? 
_pdbx_database_status.status_code_nmr_data            ? 
_pdbx_database_status.methods_development_category    ? 
_pdbx_database_status.pdb_format_compatible           Y 
# 
loop_
_audit_author.name 
_audit_author.pdbx_ordinal 
_audit_author.identifier_ORCID 
'Richards, L.S.'      1 0000-0002-1694-1652 
'Flores, M.D.'        2 0000-0002-4483-087X 
'Zee, C.T.'           3 0000-0002-6630-706X 
'Glynn, C.'           4 0000-0002-2197-2357 
'Gallagher-Jones, M.' 5 0000-0003-4227-917X 
'Sawaya, M.R.'        6 0000-0003-0874-9043 
# 
_citation.abstract                  ? 
_citation.abstract_id_CAS           ? 
_citation.book_id_ISBN              ? 
_citation.book_publisher            ? 
_citation.book_publisher_city       ? 
_citation.book_title                ? 
_citation.coordinate_linkage        ? 
_citation.country                   US 
_citation.database_id_Medline       ? 
_citation.details                   ? 
_citation.id                        primary 
_citation.journal_abbrev            'Acs Bio Med Chem Au' 
_citation.journal_id_ASTM           ? 
_citation.journal_id_CSD            ? 
_citation.journal_id_ISSN           2694-2437 
_citation.journal_full              ? 
_citation.journal_issue             ? 
_citation.journal_volume            3 
_citation.language                  ? 
_citation.page_first                201 
_citation.page_last                 210 
_citation.title                     'Fragment-Based Ab Initio Phasing of Peptidic Nanocrystals by MicroED.' 
_citation.year                      2023 
_citation.database_id_CSD           ? 
_citation.pdbx_database_id_DOI      10.1021/acsbiomedchemau.2c00082 
_citation.pdbx_database_id_PubMed   37096030 
_citation.pdbx_database_id_patent   ? 
_citation.unpublished_flag          ? 
# 
loop_
_citation_author.citation_id 
_citation_author.name 
_citation_author.ordinal 
_citation_author.identifier_ORCID 
primary 'Richards, L.S.'      1  ?                   
primary 'Flores, M.D.'        2  ?                   
primary 'Millan, C.'          3  ?                   
primary 'Glynn, C.'           4  ?                   
primary 'Zee, C.T.'           5  ?                   
primary 'Sawaya, M.R.'        6  0000-0003-0874-9043 
primary 'Gallagher-Jones, M.' 7  ?                   
primary 'Borges, R.J.'        8  ?                   
primary 'Uson, I.'            9  ?                   
primary 'Rodriguez, J.A.'     10 0000-0002-0248-4964 
# 
loop_
_entity.id 
_entity.type 
_entity.src_method 
_entity.pdbx_description 
_entity.formula_weight 
_entity.pdbx_number_of_molecules 
_entity.pdbx_ec 
_entity.pdbx_mutation 
_entity.pdbx_fragment 
_entity.details 
1 polymer     syn 'zinc finger protein 292' 1244.401 1 ? ? 'residues 534-542' ? 
2 non-polymer syn 'DIMETHYL SULFOXIDE'      78.133   1 ? ? ?                  ? 
3 water       nat water                     18.015   2 ? ? ?                  ? 
# 
_entity_poly.entity_id                      1 
_entity_poly.type                           'polypeptide(L)' 
_entity_poly.nstd_linkage                   no 
_entity_poly.nstd_monomer                   no 
_entity_poly.pdbx_seq_one_letter_code       FRNWQAYMQ 
_entity_poly.pdbx_seq_one_letter_code_can   FRNWQAYMQ 
_entity_poly.pdbx_strand_id                 A 
_entity_poly.pdbx_target_identifier         ? 
# 
loop_
_pdbx_entity_nonpoly.entity_id 
_pdbx_entity_nonpoly.name 
_pdbx_entity_nonpoly.comp_id 
2 'DIMETHYL SULFOXIDE' DMS 
3 water                HOH 
# 
loop_
_entity_poly_seq.entity_id 
_entity_poly_seq.num 
_entity_poly_seq.mon_id 
_entity_poly_seq.hetero 
1 1 PHE n 
1 2 ARG n 
1 3 ASN n 
1 4 TRP n 
1 5 GLN n 
1 6 ALA n 
1 7 TYR n 
1 8 MET n 
1 9 GLN n 
# 
_pdbx_entity_src_syn.entity_id              1 
_pdbx_entity_src_syn.pdbx_src_id            1 
_pdbx_entity_src_syn.pdbx_alt_source_flag   sample 
_pdbx_entity_src_syn.pdbx_beg_seq_num       1 
_pdbx_entity_src_syn.pdbx_end_seq_num       9 
_pdbx_entity_src_syn.organism_scientific    'Homo sapiens' 
_pdbx_entity_src_syn.organism_common_name   ? 
_pdbx_entity_src_syn.ncbi_taxonomy_id       9606 
_pdbx_entity_src_syn.details                ? 
# 
loop_
_chem_comp.id 
_chem_comp.type 
_chem_comp.mon_nstd_flag 
_chem_comp.name 
_chem_comp.pdbx_synonyms 
_chem_comp.formula 
_chem_comp.formula_weight 
ALA 'L-peptide linking' y ALANINE              ? 'C3 H7 N O2'     89.093  
ARG 'L-peptide linking' y ARGININE             ? 'C6 H15 N4 O2 1' 175.209 
ASN 'L-peptide linking' y ASPARAGINE           ? 'C4 H8 N2 O3'    132.118 
DMS non-polymer         . 'DIMETHYL SULFOXIDE' ? 'C2 H6 O S'      78.133  
GLN 'L-peptide linking' y GLUTAMINE            ? 'C5 H10 N2 O3'   146.144 
HOH non-polymer         . WATER                ? 'H2 O'           18.015  
MET 'L-peptide linking' y METHIONINE           ? 'C5 H11 N O2 S'  149.211 
PHE 'L-peptide linking' y PHENYLALANINE        ? 'C9 H11 N O2'    165.189 
TRP 'L-peptide linking' y TRYPTOPHAN           ? 'C11 H12 N2 O2'  204.225 
TYR 'L-peptide linking' y TYROSINE             ? 'C9 H11 N O3'    181.189 
# 
loop_
_pdbx_poly_seq_scheme.asym_id 
_pdbx_poly_seq_scheme.entity_id 
_pdbx_poly_seq_scheme.seq_id 
_pdbx_poly_seq_scheme.mon_id 
_pdbx_poly_seq_scheme.ndb_seq_num 
_pdbx_poly_seq_scheme.pdb_seq_num 
_pdbx_poly_seq_scheme.auth_seq_num 
_pdbx_poly_seq_scheme.pdb_mon_id 
_pdbx_poly_seq_scheme.auth_mon_id 
_pdbx_poly_seq_scheme.pdb_strand_id 
_pdbx_poly_seq_scheme.pdb_ins_code 
_pdbx_poly_seq_scheme.hetero 
A 1 1 PHE 1 0 0 PHE PHE A . n 
A 1 2 ARG 2 1 1 ARG ARG A . n 
A 1 3 ASN 3 2 2 ASN ASN A . n 
A 1 4 TRP 4 3 3 TRP TRP A . n 
A 1 5 GLN 5 4 4 GLN GLN A . n 
A 1 6 ALA 6 5 5 ALA ALA A . n 
A 1 7 TYR 7 6 6 TYR TYR A . n 
A 1 8 MET 8 7 7 MET MET A . n 
A 1 9 GLN 9 8 8 GLN GLN A . n 
# 
loop_
_pdbx_nonpoly_scheme.asym_id 
_pdbx_nonpoly_scheme.entity_id 
_pdbx_nonpoly_scheme.mon_id 
_pdbx_nonpoly_scheme.ndb_seq_num 
_pdbx_nonpoly_scheme.pdb_seq_num 
_pdbx_nonpoly_scheme.auth_seq_num 
_pdbx_nonpoly_scheme.pdb_mon_id 
_pdbx_nonpoly_scheme.auth_mon_id 
_pdbx_nonpoly_scheme.pdb_strand_id 
_pdbx_nonpoly_scheme.pdb_ins_code 
B 2 DMS 1 101 101 DMS DMS A . 
C 3 HOH 1 201 1   HOH HOH A . 
C 3 HOH 2 202 2   HOH HOH A . 
# 
loop_
_software.citation_id 
_software.classification 
_software.compiler_name 
_software.compiler_version 
_software.contact_author 
_software.contact_author_email 
_software.date 
_software.description 
_software.dependencies 
_software.hardware 
_software.language 
_software.location 
_software.mods 
_software.name 
_software.os 
_software.os_version 
_software.type 
_software.version 
_software.pdbx_ordinal 
? 'data scaling'    ? ? 'Wolfgang Kabsch' ?                        ?               ? ? ? ?   
http://www.mpimf-heidelberg.mpg.de/~kabsch/xds/html_doc/xscale_program.html ? XSCALE      ? ? package .    1 
? refinement        ? ? 'Paul D. Adams'   PDAdams@lbl.gov          ?               ? ? ? C++ http://www.phenix-online.org/ ? 
PHENIX      ? ? package .    2 
? 'data extraction' ? ? PDB               deposit@deposit.rcsb.org 'Oct. 31, 2020' ? ? ? C++ 
http://sw-tools.pdb.org/apps/PDB_EXTRACT/                                   ? PDB_EXTRACT ? ? package 3.27 3 
# 
_cell.angle_alpha                  90.000 
_cell.angle_alpha_esd              ? 
_cell.angle_beta                   115.930 
_cell.angle_beta_esd               ? 
_cell.angle_gamma                  90.000 
_cell.angle_gamma_esd              ? 
_cell.entry_id                     7N2D 
_cell.details                      ? 
_cell.formula_units_Z              ? 
_cell.length_a                     43.120 
_cell.length_a_esd                 ? 
_cell.length_b                     4.840 
_cell.length_b_esd                 ? 
_cell.length_c                     34.900 
_cell.length_c_esd                 ? 
_cell.volume                       ? 
_cell.volume_esd                   ? 
_cell.Z_PDB                        4 
_cell.reciprocal_angle_alpha       ? 
_cell.reciprocal_angle_beta        ? 
_cell.reciprocal_angle_gamma       ? 
_cell.reciprocal_angle_alpha_esd   ? 
_cell.reciprocal_angle_beta_esd    ? 
_cell.reciprocal_angle_gamma_esd   ? 
_cell.reciprocal_length_a          ? 
_cell.reciprocal_length_b          ? 
_cell.reciprocal_length_c          ? 
_cell.reciprocal_length_a_esd      ? 
_cell.reciprocal_length_b_esd      ? 
_cell.reciprocal_length_c_esd      ? 
_cell.pdbx_unique_axis             ? 
# 
_symmetry.entry_id                         7N2D 
_symmetry.cell_setting                     ? 
_symmetry.Int_Tables_number                5 
_symmetry.space_group_name_Hall            ? 
_symmetry.space_group_name_H-M             'C 1 2 1' 
_symmetry.pdbx_full_space_group_name_H-M   ? 
# 
_exptl.absorpt_coefficient_mu     ? 
_exptl.absorpt_correction_T_max   ? 
_exptl.absorpt_correction_T_min   ? 
_exptl.absorpt_correction_type    ? 
_exptl.absorpt_process_details    ? 
_exptl.entry_id                   7N2D 
_exptl.crystals_number            ? 
_exptl.details                    ? 
_exptl.method                     'ELECTRON CRYSTALLOGRAPHY' 
_exptl.method_details             ? 
# 
_exptl_crystal.colour                      ? 
_exptl_crystal.density_diffrn              ? 
_exptl_crystal.density_Matthews            ? 
_exptl_crystal.density_method              ? 
_exptl_crystal.density_percent_sol         ? 
_exptl_crystal.description                 ? 
_exptl_crystal.F_000                       ? 
_exptl_crystal.id                          1 
_exptl_crystal.preparation                 ? 
_exptl_crystal.size_max                    ? 
_exptl_crystal.size_mid                    ? 
_exptl_crystal.size_min                    ? 
_exptl_crystal.size_rad                    ? 
_exptl_crystal.colour_lustre               ? 
_exptl_crystal.colour_modifier             ? 
_exptl_crystal.colour_primary              ? 
_exptl_crystal.density_meas                ? 
_exptl_crystal.density_meas_esd            ? 
_exptl_crystal.density_meas_gt             ? 
_exptl_crystal.density_meas_lt             ? 
_exptl_crystal.density_meas_temp           ? 
_exptl_crystal.density_meas_temp_esd       ? 
_exptl_crystal.density_meas_temp_gt        ? 
_exptl_crystal.density_meas_temp_lt        ? 
_exptl_crystal.pdbx_crystal_image_url      ? 
_exptl_crystal.pdbx_crystal_image_format   ? 
_exptl_crystal.pdbx_mosaicity              ? 
_exptl_crystal.pdbx_mosaicity_esd          ? 
# 
_diffrn.ambient_environment              ? 
_diffrn.ambient_temp                     ? 
_diffrn.ambient_temp_details             ? 
_diffrn.ambient_temp_esd                 ? 
_diffrn.crystal_id                       1 
_diffrn.crystal_support                  ? 
_diffrn.crystal_treatment                ? 
_diffrn.details                          ? 
_diffrn.id                               1 
_diffrn.ambient_pressure                 ? 
_diffrn.ambient_pressure_esd             ? 
_diffrn.ambient_pressure_gt              ? 
_diffrn.ambient_pressure_lt              ? 
_diffrn.ambient_temp_gt                  ? 
_diffrn.ambient_temp_lt                  ? 
_diffrn.pdbx_serial_crystal_experiment   ? 
# 
_diffrn_radiation.collimation                      ? 
_diffrn_radiation.diffrn_id                        1 
_diffrn_radiation.filter_edge                      ? 
_diffrn_radiation.inhomogeneity                    ? 
_diffrn_radiation.monochromator                    ? 
_diffrn_radiation.polarisn_norm                    ? 
_diffrn_radiation.polarisn_ratio                   ? 
_diffrn_radiation.probe                            ? 
_diffrn_radiation.type                             ? 
_diffrn_radiation.xray_symbol                      ? 
_diffrn_radiation.wavelength_id                    1 
_diffrn_radiation.pdbx_monochromatic_or_laue_m_l   ? 
_diffrn_radiation.pdbx_wavelength_list             ? 
_diffrn_radiation.pdbx_wavelength                  ? 
_diffrn_radiation.pdbx_diffrn_protocol             ? 
_diffrn_radiation.pdbx_analyzer                    ? 
_diffrn_radiation.pdbx_scattering_type             electron 
# 
_diffrn_radiation_wavelength.id           1 
_diffrn_radiation_wavelength.wavelength   . 
_diffrn_radiation_wavelength.wt           1.0 
# 
_reflns.B_iso_Wilson_estimate                          17.720 
_reflns.entry_id                                       7N2D 
_reflns.data_reduction_details                         ? 
_reflns.data_reduction_method                          ? 
_reflns.d_resolution_high                              1.500 
_reflns.d_resolution_low                               19.389 
_reflns.details                                        ? 
_reflns.limit_h_max                                    ? 
_reflns.limit_h_min                                    ? 
_reflns.limit_k_max                                    ? 
_reflns.limit_k_min                                    ? 
_reflns.limit_l_max                                    ? 
_reflns.limit_l_min                                    ? 
_reflns.number_all                                     ? 
_reflns.number_obs                                     961 
_reflns.observed_criterion                             ? 
_reflns.observed_criterion_F_max                       ? 
_reflns.observed_criterion_F_min                       ? 
_reflns.observed_criterion_I_max                       ? 
_reflns.observed_criterion_I_min                       ? 
_reflns.observed_criterion_sigma_F                     ? 
_reflns.observed_criterion_sigma_I                     ? 
_reflns.percent_possible_obs                           75.800 
_reflns.R_free_details                                 ? 
_reflns.Rmerge_F_all                                   ? 
_reflns.Rmerge_F_obs                                   ? 
_reflns.Friedel_coverage                               ? 
_reflns.number_gt                                      ? 
_reflns.threshold_expression                           ? 
_reflns.pdbx_redundancy                                4.180 
_reflns.pdbx_Rmerge_I_obs                              0.202 
_reflns.pdbx_Rmerge_I_all                              ? 
_reflns.pdbx_Rsym_value                                ? 
_reflns.pdbx_netI_over_av_sigmaI                       ? 
_reflns.pdbx_netI_over_sigmaI                          4.320 
_reflns.pdbx_res_netI_over_av_sigmaI_2                 ? 
_reflns.pdbx_res_netI_over_sigmaI_2                    ? 
_reflns.pdbx_chi_squared                               0.857 
_reflns.pdbx_scaling_rejects                           1 
_reflns.pdbx_d_res_high_opt                            ? 
_reflns.pdbx_d_res_low_opt                             ? 
_reflns.pdbx_d_res_opt_method                          ? 
_reflns.phase_calculation_details                      ? 
_reflns.pdbx_Rrim_I_all                                0.226 
_reflns.pdbx_Rpim_I_all                                ? 
_reflns.pdbx_d_opt                                     ? 
_reflns.pdbx_number_measured_all                       4017 
_reflns.pdbx_diffrn_id                                 1 
_reflns.pdbx_ordinal                                   1 
_reflns.pdbx_CC_half                                   0.977 
_reflns.pdbx_CC_star                                   ? 
_reflns.pdbx_R_split                                   ? 
_reflns.pdbx_aniso_diffraction_limit_axis_1_ortho[1]   ? 
_reflns.pdbx_aniso_diffraction_limit_axis_1_ortho[2]   ? 
_reflns.pdbx_aniso_diffraction_limit_axis_1_ortho[3]   ? 
_reflns.pdbx_aniso_diffraction_limit_axis_2_ortho[1]   ? 
_reflns.pdbx_aniso_diffraction_limit_axis_2_ortho[2]   ? 
_reflns.pdbx_aniso_diffraction_limit_axis_2_ortho[3]   ? 
_reflns.pdbx_aniso_diffraction_limit_axis_3_ortho[1]   ? 
_reflns.pdbx_aniso_diffraction_limit_axis_3_ortho[2]   ? 
_reflns.pdbx_aniso_diffraction_limit_axis_3_ortho[3]   ? 
_reflns.pdbx_aniso_diffraction_limit_1                 ? 
_reflns.pdbx_aniso_diffraction_limit_2                 ? 
_reflns.pdbx_aniso_diffraction_limit_3                 ? 
_reflns.pdbx_aniso_B_tensor_eigenvector_1_ortho[1]     ? 
_reflns.pdbx_aniso_B_tensor_eigenvector_1_ortho[2]     ? 
_reflns.pdbx_aniso_B_tensor_eigenvector_1_ortho[3]     ? 
_reflns.pdbx_aniso_B_tensor_eigenvector_2_ortho[1]     ? 
_reflns.pdbx_aniso_B_tensor_eigenvector_2_ortho[2]     ? 
_reflns.pdbx_aniso_B_tensor_eigenvector_2_ortho[3]     ? 
_reflns.pdbx_aniso_B_tensor_eigenvector_3_ortho[1]     ? 
_reflns.pdbx_aniso_B_tensor_eigenvector_3_ortho[2]     ? 
_reflns.pdbx_aniso_B_tensor_eigenvector_3_ortho[3]     ? 
_reflns.pdbx_aniso_B_tensor_eigenvalue_1               ? 
_reflns.pdbx_aniso_B_tensor_eigenvalue_2               ? 
_reflns.pdbx_aniso_B_tensor_eigenvalue_3               ? 
_reflns.pdbx_orthogonalization_convention              ? 
_reflns.pdbx_percent_possible_ellipsoidal              ? 
_reflns.pdbx_percent_possible_spherical                ? 
_reflns.pdbx_percent_possible_ellipsoidal_anomalous    ? 
_reflns.pdbx_percent_possible_spherical_anomalous      ? 
_reflns.pdbx_redundancy_anomalous                      ? 
_reflns.pdbx_CC_half_anomalous                         ? 
_reflns.pdbx_absDiff_over_sigma_anomalous              ? 
_reflns.pdbx_percent_possible_anomalous                ? 
_reflns.pdbx_observed_signal_threshold                 ? 
_reflns.pdbx_signal_type                               ? 
_reflns.pdbx_signal_details                            ? 
_reflns.pdbx_signal_software_id                        ? 
# 
loop_
_reflns_shell.d_res_high 
_reflns_shell.d_res_low 
_reflns_shell.meanI_over_sigI_all 
_reflns_shell.meanI_over_sigI_obs 
_reflns_shell.number_measured_all 
_reflns_shell.number_measured_obs 
_reflns_shell.number_possible 
_reflns_shell.number_unique_all 
_reflns_shell.number_unique_obs 
_reflns_shell.percent_possible_all 
_reflns_shell.percent_possible_obs 
_reflns_shell.Rmerge_F_all 
_reflns_shell.Rmerge_F_obs 
_reflns_shell.Rmerge_I_all 
_reflns_shell.Rmerge_I_obs 
_reflns_shell.meanI_over_sigI_gt 
_reflns_shell.meanI_over_uI_all 
_reflns_shell.meanI_over_uI_gt 
_reflns_shell.number_measured_gt 
_reflns_shell.number_unique_gt 
_reflns_shell.percent_possible_gt 
_reflns_shell.Rmerge_F_gt 
_reflns_shell.Rmerge_I_gt 
_reflns_shell.pdbx_redundancy 
_reflns_shell.pdbx_Rsym_value 
_reflns_shell.pdbx_chi_squared 
_reflns_shell.pdbx_netI_over_sigmaI_all 
_reflns_shell.pdbx_netI_over_sigmaI_obs 
_reflns_shell.pdbx_Rrim_I_all 
_reflns_shell.pdbx_Rpim_I_all 
_reflns_shell.pdbx_rejects 
_reflns_shell.pdbx_ordinal 
_reflns_shell.pdbx_diffrn_id 
_reflns_shell.pdbx_CC_half 
_reflns_shell.pdbx_CC_star 
_reflns_shell.pdbx_R_split 
_reflns_shell.pdbx_percent_possible_ellipsoidal 
_reflns_shell.pdbx_percent_possible_spherical 
_reflns_shell.pdbx_percent_possible_ellipsoidal_anomalous 
_reflns_shell.pdbx_percent_possible_spherical_anomalous 
_reflns_shell.pdbx_redundancy_anomalous 
_reflns_shell.pdbx_CC_half_anomalous 
_reflns_shell.pdbx_absDiff_over_sigma_anomalous 
_reflns_shell.pdbx_percent_possible_anomalous 
1.500  1.600  ? 1.570 ? 327 235 ? 120 51.100 ? ? ? ? 0.436 ? ? ? ? ? ? ? ? 2.725 ? ? ? ? 0.534 ? ? 1  1 0.780 ? ? ? ? ? ? ? ? ? ? 
1.600  1.700  ? 1.670 ? 207 149 ? 74  49.700 ? ? ? ? 0.488 ? ? ? ? ? ? ? ? 2.797 ? ? ? ? 0.582 ? ? 2  1 0.697 ? ? ? ? ? ? ? ? ? ? 
1.700  1.800  ? 2.210 ? 323 129 ? 94  72.900 ? ? ? ? 0.393 ? ? ? ? ? ? ? ? 3.436 ? ? ? ? 0.456 ? ? 3  1 0.897 ? ? ? ? ? ? ? ? ? ? 
1.800  1.900  ? 2.710 ? 356 98  ? 87  88.800 ? ? ? ? 0.405 ? ? ? ? ? ? ? ? 4.092 ? ? ? ? 0.455 ? ? 4  1 0.879 ? ? ? ? ? ? ? ? ? ? 
1.900  2.000  ? 4.390 ? 406 83  ? 76  91.600 ? ? ? ? 0.299 ? ? ? ? ? ? ? ? 5.342 ? ? ? ? 0.330 ? ? 5  1 0.934 ? ? ? ? ? ? ? ? ? ? 
2.000  2.300  ? 4.940 ? 894 194 ? 177 91.200 ? ? ? ? 0.249 ? ? ? ? ? ? ? ? 5.051 ? ? ? ? 0.279 ? ? 6  1 0.956 ? ? ? ? ? ? ? ? ? ? 
2.300  3.000  ? 5.770 ? 763 187 ? 169 90.400 ? ? ? ? 0.195 ? ? ? ? ? ? ? ? 4.515 ? ? ? ? 0.223 ? ? 7  1 0.966 ? ? ? ? ? ? ? ? ? ? 
3.000  5.000  ? 7.760 ? 645 148 ? 132 89.200 ? ? ? ? 0.170 ? ? ? ? ? ? ? ? 4.886 ? ? ? ? 0.187 ? ? 8  1 0.971 ? ? ? ? ? ? ? ? ? ? 
5.000  8.000  ? 6.050 ? 64  29  ? 22  75.900 ? ? ? ? 0.118 ? ? ? ? ? ? ? ? 2.909 ? ? ? ? 0.147 ? ? 9  1 0.989 ? ? ? ? ? ? ? ? ? ? 
8.000  10.000 ? 6.500 ? 10  4   ? 3   75.000 ? ? ? ? 0.263 ? ? ? ? ? ? ? ? 3.333 ? ? ? ? 0.305 ? ? 10 1 ?     ? ? ? ? ? ? ? ? ? ? 
10.000 19.389 ? 5.550 ? 22  12  ? 7   58.300 ? ? ? ? 0.203 ? ? ? ? ? ? ? ? 3.143 ? ? ? ? 0.240 ? ? 11 1 ?     ? ? ? ? ? ? ? ? ? ? 
# 
_refine.aniso_B[1][1]                            ? 
_refine.aniso_B[1][2]                            ? 
_refine.aniso_B[1][3]                            ? 
_refine.aniso_B[2][2]                            ? 
_refine.aniso_B[2][3]                            ? 
_refine.aniso_B[3][3]                            ? 
_refine.B_iso_max                                31.590 
_refine.B_iso_mean                               9.7345 
_refine.B_iso_min                                2.280 
_refine.correlation_coeff_Fo_to_Fc               ? 
_refine.correlation_coeff_Fo_to_Fc_free          ? 
_refine.details                                  ? 
_refine.diff_density_max                         ? 
_refine.diff_density_max_esd                     ? 
_refine.diff_density_min                         ? 
_refine.diff_density_min_esd                     ? 
_refine.diff_density_rms                         ? 
_refine.diff_density_rms_esd                     ? 
_refine.entry_id                                 7N2D 
_refine.pdbx_refine_id                           'ELECTRON CRYSTALLOGRAPHY' 
_refine.ls_abs_structure_details                 ? 
_refine.ls_abs_structure_Flack                   ? 
_refine.ls_abs_structure_Flack_esd               ? 
_refine.ls_abs_structure_Rogers                  ? 
_refine.ls_abs_structure_Rogers_esd              ? 
_refine.ls_d_res_high                            1.5030 
_refine.ls_d_res_low                             19.3890 
_refine.ls_extinction_coef                       ? 
_refine.ls_extinction_coef_esd                   ? 
_refine.ls_extinction_expression                 ? 
_refine.ls_extinction_method                     ? 
_refine.ls_goodness_of_fit_all                   ? 
_refine.ls_goodness_of_fit_all_esd               ? 
_refine.ls_goodness_of_fit_obs                   ? 
_refine.ls_goodness_of_fit_obs_esd               ? 
_refine.ls_hydrogen_treatment                    ? 
_refine.ls_matrix_type                           ? 
_refine.ls_number_constraints                    ? 
_refine.ls_number_parameters                     ? 
_refine.ls_number_reflns_all                     ? 
_refine.ls_number_reflns_obs                     961 
_refine.ls_number_reflns_R_free                  96 
_refine.ls_number_reflns_R_work                  865 
_refine.ls_number_restraints                     ? 
_refine.ls_percent_reflns_obs                    76.8200 
_refine.ls_percent_reflns_R_free                 9.9900 
_refine.ls_R_factor_all                          ? 
_refine.ls_R_factor_obs                          0.2125 
_refine.ls_R_factor_R_free                       0.2584 
_refine.ls_R_factor_R_free_error                 ? 
_refine.ls_R_factor_R_free_error_details         ? 
_refine.ls_R_factor_R_work                       0.2071 
_refine.ls_R_Fsqd_factor_obs                     ? 
_refine.ls_R_I_factor_obs                        ? 
_refine.ls_redundancy_reflns_all                 ? 
_refine.ls_redundancy_reflns_obs                 ? 
_refine.ls_restrained_S_all                      ? 
_refine.ls_restrained_S_obs                      ? 
_refine.ls_shift_over_esd_max                    ? 
_refine.ls_shift_over_esd_mean                   ? 
_refine.ls_structure_factor_coef                 ? 
_refine.ls_weighting_details                     ? 
_refine.ls_weighting_scheme                      ? 
_refine.ls_wR_factor_all                         ? 
_refine.ls_wR_factor_obs                         ? 
_refine.ls_wR_factor_R_free                      ? 
_refine.ls_wR_factor_R_work                      ? 
_refine.occupancy_max                            ? 
_refine.occupancy_min                            ? 
_refine.solvent_model_details                    'FLAT BULK SOLVENT MODEL' 
_refine.solvent_model_param_bsol                 ? 
_refine.solvent_model_param_ksol                 ? 
_refine.pdbx_R_complete                          ? 
_refine.ls_R_factor_gt                           ? 
_refine.ls_goodness_of_fit_gt                    ? 
_refine.ls_goodness_of_fit_ref                   ? 
_refine.ls_shift_over_su_max                     ? 
_refine.ls_shift_over_su_max_lt                  ? 
_refine.ls_shift_over_su_mean                    ? 
_refine.ls_shift_over_su_mean_lt                 ? 
_refine.pdbx_ls_sigma_I                          ? 
_refine.pdbx_ls_sigma_F                          1.410 
_refine.pdbx_ls_sigma_Fsqd                       ? 
_refine.pdbx_data_cutoff_high_absF               ? 
_refine.pdbx_data_cutoff_high_rms_absF           ? 
_refine.pdbx_data_cutoff_low_absF                ? 
_refine.pdbx_isotropic_thermal_model             ? 
_refine.pdbx_ls_cross_valid_method               THROUGHOUT 
_refine.pdbx_method_to_determine_struct          ? 
_refine.pdbx_starting_model                      ? 
_refine.pdbx_stereochemistry_target_values       ML 
_refine.pdbx_R_Free_selection_details            ? 
_refine.pdbx_stereochem_target_val_spec_case     ? 
_refine.pdbx_overall_ESU_R                       ? 
_refine.pdbx_overall_ESU_R_Free                  ? 
_refine.pdbx_solvent_vdw_probe_radii             1.1100 
_refine.pdbx_solvent_ion_probe_radii             ? 
_refine.pdbx_solvent_shrinkage_radii             0.9000 
_refine.pdbx_real_space_R                        ? 
_refine.pdbx_density_correlation                 ? 
_refine.pdbx_pd_number_of_powder_patterns        ? 
_refine.pdbx_pd_number_of_points                 ? 
_refine.pdbx_pd_meas_number_of_points            ? 
_refine.pdbx_pd_proc_ls_prof_R_factor            ? 
_refine.pdbx_pd_proc_ls_prof_wR_factor           ? 
_refine.pdbx_pd_Marquardt_correlation_coeff      ? 
_refine.pdbx_pd_Fsqrd_R_factor                   ? 
_refine.pdbx_pd_ls_matrix_band_width             ? 
_refine.pdbx_overall_phase_error                 18.0800 
_refine.pdbx_overall_SU_R_free_Cruickshank_DPI   ? 
_refine.pdbx_overall_SU_R_free_Blow_DPI          ? 
_refine.pdbx_overall_SU_R_Blow_DPI               ? 
_refine.pdbx_TLS_residual_ADP_flag               ? 
_refine.pdbx_diffrn_id                           1 
_refine.overall_SU_B                             ? 
_refine.overall_SU_ML                            0.1600 
_refine.overall_SU_R_Cruickshank_DPI             ? 
_refine.overall_SU_R_free                        ? 
_refine.overall_FOM_free_R_set                   ? 
_refine.overall_FOM_work_R_set                   ? 
_refine.pdbx_average_fsc_overall                 ? 
_refine.pdbx_average_fsc_work                    ? 
_refine.pdbx_average_fsc_free                    ? 
# 
_refine_hist.pdbx_refine_id                   'ELECTRON CRYSTALLOGRAPHY' 
_refine_hist.cycle_id                         final 
_refine_hist.details                          ? 
_refine_hist.d_res_high                       1.5030 
_refine_hist.d_res_low                        19.3890 
_refine_hist.number_atoms_solvent             2 
_refine_hist.number_atoms_total               94 
_refine_hist.number_reflns_all                ? 
_refine_hist.number_reflns_obs                ? 
_refine_hist.number_reflns_R_free             ? 
_refine_hist.number_reflns_R_work             ? 
_refine_hist.R_factor_all                     ? 
_refine_hist.R_factor_obs                     ? 
_refine_hist.R_factor_R_free                  ? 
_refine_hist.R_factor_R_work                  ? 
_refine_hist.pdbx_number_residues_total       9 
_refine_hist.pdbx_B_iso_mean_ligand           28.62 
_refine_hist.pdbx_B_iso_mean_solvent          15.89 
_refine_hist.pdbx_number_atoms_protein        88 
_refine_hist.pdbx_number_atoms_nucleic_acid   0 
_refine_hist.pdbx_number_atoms_ligand         4 
_refine_hist.pdbx_number_atoms_lipid          ? 
_refine_hist.pdbx_number_atoms_carb           ? 
_refine_hist.pdbx_pseudo_atom_details         ? 
# 
loop_
_refine_ls_shell.pdbx_refine_id 
_refine_ls_shell.d_res_high 
_refine_ls_shell.d_res_low 
_refine_ls_shell.number_reflns_all 
_refine_ls_shell.number_reflns_obs 
_refine_ls_shell.number_reflns_R_free 
_refine_ls_shell.number_reflns_R_work 
_refine_ls_shell.percent_reflns_obs 
_refine_ls_shell.percent_reflns_R_free 
_refine_ls_shell.R_factor_all 
_refine_ls_shell.R_factor_obs 
_refine_ls_shell.R_factor_R_free 
_refine_ls_shell.R_factor_R_free_error 
_refine_ls_shell.R_factor_R_work 
_refine_ls_shell.redundancy_reflns_all 
_refine_ls_shell.redundancy_reflns_obs 
_refine_ls_shell.wR_factor_all 
_refine_ls_shell.wR_factor_obs 
_refine_ls_shell.wR_factor_R_free 
_refine_ls_shell.wR_factor_R_work 
_refine_ls_shell.pdbx_R_complete 
_refine_ls_shell.pdbx_total_number_of_bins_used 
_refine_ls_shell.pdbx_phase_error 
_refine_ls_shell.pdbx_fsc_work 
_refine_ls_shell.pdbx_fsc_free 
'ELECTRON CRYSTALLOGRAPHY' 1.5032 1.5974  . . 11 103 52.0000 . . . 0.4451 0.0000 0.3672 . . . . . . . . . . . 
'ELECTRON CRYSTALLOGRAPHY' 1.5974 1.7206  . . 10 92  55.0000 . . . 0.3963 0.0000 0.2829 . . . . . . . . . . . 
'ELECTRON CRYSTALLOGRAPHY' 1.7206 1.8937  . . 16 139 82.0000 . . . 0.2994 0.0000 0.2565 . . . . . . . . . . . 
'ELECTRON CRYSTALLOGRAPHY' 1.8937 2.1674  . . 19 173 92.0000 . . . 0.2927 0.0000 0.1812 . . . . . . . . . . . 
'ELECTRON CRYSTALLOGRAPHY' 2.1674 2.7295  . . 19 171 90.0000 . . . 0.2732 0.0000 0.1789 . . . . . . . . . . . 
'ELECTRON CRYSTALLOGRAPHY' 2.7295 19.3890 . . 21 187 88.0000 . . . 0.1639 0.0000 0.1894 . . . . . . . . . . . 
# 
_struct.entry_id                     7N2D 
_struct.title                        
'MicroED structure of human zinc finger protein 292 segment (534-542) phased by ARCIMBOLDO-BORGES' 
_struct.pdbx_model_details           ? 
_struct.pdbx_formula_weight          ? 
_struct.pdbx_formula_weight_method   ? 
_struct.pdbx_model_type_details      ? 
_struct.pdbx_CASP_flag               N 
# 
_struct_keywords.entry_id        7N2D 
_struct_keywords.text            'amyloid, MicroED, zinc finger, phasing, PROTEIN FIBRIL' 
_struct_keywords.pdbx_keywords   'PROTEIN FIBRIL' 
# 
loop_
_struct_asym.id 
_struct_asym.pdbx_blank_PDB_chainid_flag 
_struct_asym.pdbx_modified 
_struct_asym.entity_id 
_struct_asym.details 
A N N 1 ? 
B N N 2 ? 
C N N 3 ? 
# 
_struct_ref.id                         1 
_struct_ref.db_name                    PDB 
_struct_ref.db_code                    7N2D 
_struct_ref.pdbx_db_accession          7N2D 
_struct_ref.pdbx_db_isoform            ? 
_struct_ref.entity_id                  1 
_struct_ref.pdbx_seq_one_letter_code   ? 
_struct_ref.pdbx_align_begin           1 
# 
_struct_ref_seq.align_id                      1 
_struct_ref_seq.ref_id                        1 
_struct_ref_seq.pdbx_PDB_id_code              7N2D 
_struct_ref_seq.pdbx_strand_id                A 
_struct_ref_seq.seq_align_beg                 1 
_struct_ref_seq.pdbx_seq_align_beg_ins_code   ? 
_struct_ref_seq.seq_align_end                 9 
_struct_ref_seq.pdbx_seq_align_end_ins_code   ? 
_struct_ref_seq.pdbx_db_accession             7N2D 
_struct_ref_seq.db_align_beg                  0 
_struct_ref_seq.pdbx_db_align_beg_ins_code    ? 
_struct_ref_seq.db_align_end                  8 
_struct_ref_seq.pdbx_db_align_end_ins_code    ? 
_struct_ref_seq.pdbx_auth_seq_align_beg       0 
_struct_ref_seq.pdbx_auth_seq_align_end       8 
# 
_pdbx_struct_assembly.id                   1 
_pdbx_struct_assembly.details              author_and_software_defined_assembly 
_pdbx_struct_assembly.method_details       PISA 
_pdbx_struct_assembly.oligomeric_details   monomeric 
_pdbx_struct_assembly.oligomeric_count     1 
# 
loop_
_pdbx_struct_assembly_prop.biol_id 
_pdbx_struct_assembly_prop.type 
_pdbx_struct_assembly_prop.value 
_pdbx_struct_assembly_prop.details 
1 'ABSA (A^2)' 100  ? 
1 MORE         2    ? 
1 'SSA (A^2)'  1690 ? 
# 
_pdbx_struct_assembly_gen.assembly_id       1 
_pdbx_struct_assembly_gen.oper_expression   1 
_pdbx_struct_assembly_gen.asym_id_list      A,B,C 
# 
_pdbx_struct_assembly_auth_evidence.id                     1 
_pdbx_struct_assembly_auth_evidence.assembly_id            1 
_pdbx_struct_assembly_auth_evidence.experimental_support   none 
_pdbx_struct_assembly_auth_evidence.details                ? 
# 
_pdbx_struct_oper_list.id                   1 
_pdbx_struct_oper_list.type                 'identity operation' 
_pdbx_struct_oper_list.name                 1_555 
_pdbx_struct_oper_list.symmetry_operation   x,y,z 
_pdbx_struct_oper_list.matrix[1][1]         1.0000000000 
_pdbx_struct_oper_list.matrix[1][2]         0.0000000000 
_pdbx_struct_oper_list.matrix[1][3]         0.0000000000 
_pdbx_struct_oper_list.vector[1]            0.0000000000 
_pdbx_struct_oper_list.matrix[2][1]         0.0000000000 
_pdbx_struct_oper_list.matrix[2][2]         1.0000000000 
_pdbx_struct_oper_list.matrix[2][3]         0.0000000000 
_pdbx_struct_oper_list.vector[2]            0.0000000000 
_pdbx_struct_oper_list.matrix[3][1]         0.0000000000 
_pdbx_struct_oper_list.matrix[3][2]         0.0000000000 
_pdbx_struct_oper_list.matrix[3][3]         1.0000000000 
_pdbx_struct_oper_list.vector[3]            0.0000000000 
# 
_pdbx_validate_torsion.id              1 
_pdbx_validate_torsion.PDB_model_num   1 
_pdbx_validate_torsion.auth_comp_id    ASN 
_pdbx_validate_torsion.auth_asym_id    A 
_pdbx_validate_torsion.auth_seq_id     2 
_pdbx_validate_torsion.PDB_ins_code    ? 
_pdbx_validate_torsion.label_alt_id    ? 
_pdbx_validate_torsion.phi             61.01 
_pdbx_validate_torsion.psi             72.24 
# 
_pdbx_entry_details.entry_id                 7N2D 
_pdbx_entry_details.has_ligand_of_interest   N 
_pdbx_entry_details.compound_details         ? 
_pdbx_entry_details.source_details           ? 
_pdbx_entry_details.nonpolymer_details       ? 
_pdbx_entry_details.sequence_details         ? 
# 
_em_3d_fitting.entry_id          7N2D 
_em_3d_fitting.id                1 
_em_3d_fitting.details           ? 
_em_3d_fitting.overall_b_value   ? 
_em_3d_fitting.ref_protocol      'AB INITIO MODEL' 
_em_3d_fitting.ref_space         ? 
_em_3d_fitting.target_criteria   ? 
_em_3d_fitting.method            ? 
# 
_em_3d_reconstruction.entry_id                    7N2D 
_em_3d_reconstruction.id                          1 
_em_3d_reconstruction.algorithm                   ? 
_em_3d_reconstruction.details                     ? 
_em_3d_reconstruction.refinement_type             ? 
_em_3d_reconstruction.image_processing_id         1 
_em_3d_reconstruction.num_class_averages          ? 
_em_3d_reconstruction.num_particles               ? 
_em_3d_reconstruction.resolution                  ? 
_em_3d_reconstruction.resolution_method           'DIFFRACTION PATTERN/LAYERLINES' 
_em_3d_reconstruction.symmetry_type               '3D CRYSTAL' 
_em_3d_reconstruction.method                      ? 
_em_3d_reconstruction.nominal_pixel_size          ? 
_em_3d_reconstruction.actual_pixel_size           ? 
_em_3d_reconstruction.magnification_calibration   ? 
# 
_em_buffer.id            1 
_em_buffer.details       ? 
_em_buffer.pH            6.5 
_em_buffer.specimen_id   1 
_em_buffer.name          ? 
# 
_em_entity_assembly.id                   1 
_em_entity_assembly.parent_id            0 
_em_entity_assembly.details              ? 
_em_entity_assembly.name                 'Zinc finger protein 292 amyloid forming segment' 
_em_entity_assembly.source               'MULTIPLE SOURCES' 
_em_entity_assembly.type                 COMPLEX 
_em_entity_assembly.entity_id_list       1 
_em_entity_assembly.synonym              ? 
_em_entity_assembly.oligomeric_details   ? 
# 
_em_imaging.id                              1 
_em_imaging.entry_id                        7N2D 
_em_imaging.accelerating_voltage            200 
_em_imaging.alignment_procedure             ? 
_em_imaging.c2_aperture_diameter            ? 
_em_imaging.calibrated_defocus_max          ? 
_em_imaging.calibrated_defocus_min          ? 
_em_imaging.calibrated_magnification        ? 
_em_imaging.cryogen                         ? 
_em_imaging.details                         ? 
_em_imaging.electron_source                 'FIELD EMISSION GUN' 
_em_imaging.illumination_mode               'FLOOD BEAM' 
_em_imaging.microscope_model                'FEI TECNAI F20' 
_em_imaging.mode                            DIFFRACTION 
_em_imaging.nominal_cs                      ? 
_em_imaging.nominal_defocus_max             ? 
_em_imaging.nominal_defocus_min             ? 
_em_imaging.nominal_magnification           ? 
_em_imaging.recording_temperature_maximum   ? 
_em_imaging.recording_temperature_minimum   ? 
_em_imaging.residual_tilt                   ? 
_em_imaging.specimen_holder_model           ? 
_em_imaging.specimen_id                     1 
_em_imaging.citation_id                     ? 
_em_imaging.date                            ? 
_em_imaging.temperature                     ? 
_em_imaging.tilt_angle_min                  ? 
_em_imaging.tilt_angle_max                  ? 
_em_imaging.astigmatism                     ? 
_em_imaging.detector_distance               ? 
_em_imaging.electron_beam_tilt_params       ? 
_em_imaging.specimen_holder_type            ? 
# 
_em_vitrification.id                    1 
_em_vitrification.specimen_id           1 
_em_vitrification.chamber_temperature   ? 
_em_vitrification.cryogen_name          ETHANE 
_em_vitrification.details               ? 
_em_vitrification.humidity              ? 
_em_vitrification.instrument            ? 
_em_vitrification.entry_id              7N2D 
_em_vitrification.citation_id           ? 
_em_vitrification.method                ? 
_em_vitrification.temp                  ? 
_em_vitrification.time_resolved_state   ? 
# 
_em_experiment.entry_id                7N2D 
_em_experiment.id                      1 
_em_experiment.aggregation_state       FILAMENT 
_em_experiment.reconstruction_method   CRYSTALLOGRAPHY 
_em_experiment.entity_assembly_id      1 
# 
loop_
_chem_comp_atom.comp_id 
_chem_comp_atom.atom_id 
_chem_comp_atom.type_symbol 
_chem_comp_atom.pdbx_aromatic_flag 
_chem_comp_atom.pdbx_stereo_config 
_chem_comp_atom.pdbx_ordinal 
ALA N    N N N 1   
ALA CA   C N S 2   
ALA C    C N N 3   
ALA O    O N N 4   
ALA CB   C N N 5   
ALA OXT  O N N 6   
ALA H    H N N 7   
ALA H2   H N N 8   
ALA HA   H N N 9   
ALA HB1  H N N 10  
ALA HB2  H N N 11  
ALA HB3  H N N 12  
ALA HXT  H N N 13  
ARG N    N N N 14  
ARG CA   C N S 15  
ARG C    C N N 16  
ARG O    O N N 17  
ARG CB   C N N 18  
ARG CG   C N N 19  
ARG CD   C N N 20  
ARG NE   N N N 21  
ARG CZ   C N N 22  
ARG NH1  N N N 23  
ARG NH2  N N N 24  
ARG OXT  O N N 25  
ARG H    H N N 26  
ARG H2   H N N 27  
ARG HA   H N N 28  
ARG HB2  H N N 29  
ARG HB3  H N N 30  
ARG HG2  H N N 31  
ARG HG3  H N N 32  
ARG HD2  H N N 33  
ARG HD3  H N N 34  
ARG HE   H N N 35  
ARG HH11 H N N 36  
ARG HH12 H N N 37  
ARG HH21 H N N 38  
ARG HH22 H N N 39  
ARG HXT  H N N 40  
ASN N    N N N 41  
ASN CA   C N S 42  
ASN C    C N N 43  
ASN O    O N N 44  
ASN CB   C N N 45  
ASN CG   C N N 46  
ASN OD1  O N N 47  
ASN ND2  N N N 48  
ASN OXT  O N N 49  
ASN H    H N N 50  
ASN H2   H N N 51  
ASN HA   H N N 52  
ASN HB2  H N N 53  
ASN HB3  H N N 54  
ASN HD21 H N N 55  
ASN HD22 H N N 56  
ASN HXT  H N N 57  
DMS S    S N N 58  
DMS O    O N N 59  
DMS C1   C N N 60  
DMS C2   C N N 61  
DMS H11  H N N 62  
DMS H12  H N N 63  
DMS H13  H N N 64  
DMS H21  H N N 65  
DMS H22  H N N 66  
DMS H23  H N N 67  
GLN N    N N N 68  
GLN CA   C N S 69  
GLN C    C N N 70  
GLN O    O N N 71  
GLN CB   C N N 72  
GLN CG   C N N 73  
GLN CD   C N N 74  
GLN OE1  O N N 75  
GLN NE2  N N N 76  
GLN OXT  O N N 77  
GLN H    H N N 78  
GLN H2   H N N 79  
GLN HA   H N N 80  
GLN HB2  H N N 81  
GLN HB3  H N N 82  
GLN HG2  H N N 83  
GLN HG3  H N N 84  
GLN HE21 H N N 85  
GLN HE22 H N N 86  
GLN HXT  H N N 87  
HOH O    O N N 88  
HOH H1   H N N 89  
HOH H2   H N N 90  
MET N    N N N 91  
MET CA   C N S 92  
MET C    C N N 93  
MET O    O N N 94  
MET CB   C N N 95  
MET CG   C N N 96  
MET SD   S N N 97  
MET CE   C N N 98  
MET OXT  O N N 99  
MET H    H N N 100 
MET H2   H N N 101 
MET HA   H N N 102 
MET HB2  H N N 103 
MET HB3  H N N 104 
MET HG2  H N N 105 
MET HG3  H N N 106 
MET HE1  H N N 107 
MET HE2  H N N 108 
MET HE3  H N N 109 
MET HXT  H N N 110 
PHE N    N N N 111 
PHE CA   C N S 112 
PHE C    C N N 113 
PHE O    O N N 114 
PHE CB   C N N 115 
PHE CG   C Y N 116 
PHE CD1  C Y N 117 
PHE CD2  C Y N 118 
PHE CE1  C Y N 119 
PHE CE2  C Y N 120 
PHE CZ   C Y N 121 
PHE OXT  O N N 122 
PHE H    H N N 123 
PHE H2   H N N 124 
PHE HA   H N N 125 
PHE HB2  H N N 126 
PHE HB3  H N N 127 
PHE HD1  H N N 128 
PHE HD2  H N N 129 
PHE HE1  H N N 130 
PHE HE2  H N N 131 
PHE HZ   H N N 132 
PHE HXT  H N N 133 
TRP N    N N N 134 
TRP CA   C N S 135 
TRP C    C N N 136 
TRP O    O N N 137 
TRP CB   C N N 138 
TRP CG   C Y N 139 
TRP CD1  C Y N 140 
TRP CD2  C Y N 141 
TRP NE1  N Y N 142 
TRP CE2  C Y N 143 
TRP CE3  C Y N 144 
TRP CZ2  C Y N 145 
TRP CZ3  C Y N 146 
TRP CH2  C Y N 147 
TRP OXT  O N N 148 
TRP H    H N N 149 
TRP H2   H N N 150 
TRP HA   H N N 151 
TRP HB2  H N N 152 
TRP HB3  H N N 153 
TRP HD1  H N N 154 
TRP HE1  H N N 155 
TRP HE3  H N N 156 
TRP HZ2  H N N 157 
TRP HZ3  H N N 158 
TRP HH2  H N N 159 
TRP HXT  H N N 160 
TYR N    N N N 161 
TYR CA   C N S 162 
TYR C    C N N 163 
TYR O    O N N 164 
TYR CB   C N N 165 
TYR CG   C Y N 166 
TYR CD1  C Y N 167 
TYR CD2  C Y N 168 
TYR CE1  C Y N 169 
TYR CE2  C Y N 170 
TYR CZ   C Y N 171 
TYR OH   O N N 172 
TYR OXT  O N N 173 
TYR H    H N N 174 
TYR H2   H N N 175 
TYR HA   H N N 176 
TYR HB2  H N N 177 
TYR HB3  H N N 178 
TYR HD1  H N N 179 
TYR HD2  H N N 180 
TYR HE1  H N N 181 
TYR HE2  H N N 182 
TYR HH   H N N 183 
TYR HXT  H N N 184 
# 
loop_
_chem_comp_bond.comp_id 
_chem_comp_bond.atom_id_1 
_chem_comp_bond.atom_id_2 
_chem_comp_bond.value_order 
_chem_comp_bond.pdbx_aromatic_flag 
_chem_comp_bond.pdbx_stereo_config 
_chem_comp_bond.pdbx_ordinal 
ALA N   CA   sing N N 1   
ALA N   H    sing N N 2   
ALA N   H2   sing N N 3   
ALA CA  C    sing N N 4   
ALA CA  CB   sing N N 5   
ALA CA  HA   sing N N 6   
ALA C   O    doub N N 7   
ALA C   OXT  sing N N 8   
ALA CB  HB1  sing N N 9   
ALA CB  HB2  sing N N 10  
ALA CB  HB3  sing N N 11  
ALA OXT HXT  sing N N 12  
ARG N   CA   sing N N 13  
ARG N   H    sing N N 14  
ARG N   H2   sing N N 15  
ARG CA  C    sing N N 16  
ARG CA  CB   sing N N 17  
ARG CA  HA   sing N N 18  
ARG C   O    doub N N 19  
ARG C   OXT  sing N N 20  
ARG CB  CG   sing N N 21  
ARG CB  HB2  sing N N 22  
ARG CB  HB3  sing N N 23  
ARG CG  CD   sing N N 24  
ARG CG  HG2  sing N N 25  
ARG CG  HG3  sing N N 26  
ARG CD  NE   sing N N 27  
ARG CD  HD2  sing N N 28  
ARG CD  HD3  sing N N 29  
ARG NE  CZ   sing N N 30  
ARG NE  HE   sing N N 31  
ARG CZ  NH1  sing N N 32  
ARG CZ  NH2  doub N N 33  
ARG NH1 HH11 sing N N 34  
ARG NH1 HH12 sing N N 35  
ARG NH2 HH21 sing N N 36  
ARG NH2 HH22 sing N N 37  
ARG OXT HXT  sing N N 38  
ASN N   CA   sing N N 39  
ASN N   H    sing N N 40  
ASN N   H2   sing N N 41  
ASN CA  C    sing N N 42  
ASN CA  CB   sing N N 43  
ASN CA  HA   sing N N 44  
ASN C   O    doub N N 45  
ASN C   OXT  sing N N 46  
ASN CB  CG   sing N N 47  
ASN CB  HB2  sing N N 48  
ASN CB  HB3  sing N N 49  
ASN CG  OD1  doub N N 50  
ASN CG  ND2  sing N N 51  
ASN ND2 HD21 sing N N 52  
ASN ND2 HD22 sing N N 53  
ASN OXT HXT  sing N N 54  
DMS S   O    doub N N 55  
DMS S   C1   sing N N 56  
DMS S   C2   sing N N 57  
DMS C1  H11  sing N N 58  
DMS C1  H12  sing N N 59  
DMS C1  H13  sing N N 60  
DMS C2  H21  sing N N 61  
DMS C2  H22  sing N N 62  
DMS C2  H23  sing N N 63  
GLN N   CA   sing N N 64  
GLN N   H    sing N N 65  
GLN N   H2   sing N N 66  
GLN CA  C    sing N N 67  
GLN CA  CB   sing N N 68  
GLN CA  HA   sing N N 69  
GLN C   O    doub N N 70  
GLN C   OXT  sing N N 71  
GLN CB  CG   sing N N 72  
GLN CB  HB2  sing N N 73  
GLN CB  HB3  sing N N 74  
GLN CG  CD   sing N N 75  
GLN CG  HG2  sing N N 76  
GLN CG  HG3  sing N N 77  
GLN CD  OE1  doub N N 78  
GLN CD  NE2  sing N N 79  
GLN NE2 HE21 sing N N 80  
GLN NE2 HE22 sing N N 81  
GLN OXT HXT  sing N N 82  
HOH O   H1   sing N N 83  
HOH O   H2   sing N N 84  
MET N   CA   sing N N 85  
MET N   H    sing N N 86  
MET N   H2   sing N N 87  
MET CA  C    sing N N 88  
MET CA  CB   sing N N 89  
MET CA  HA   sing N N 90  
MET C   O    doub N N 91  
MET C   OXT  sing N N 92  
MET CB  CG   sing N N 93  
MET CB  HB2  sing N N 94  
MET CB  HB3  sing N N 95  
MET CG  SD   sing N N 96  
MET CG  HG2  sing N N 97  
MET CG  HG3  sing N N 98  
MET SD  CE   sing N N 99  
MET CE  HE1  sing N N 100 
MET CE  HE2  sing N N 101 
MET CE  HE3  sing N N 102 
MET OXT HXT  sing N N 103 
PHE N   CA   sing N N 104 
PHE N   H    sing N N 105 
PHE N   H2   sing N N 106 
PHE CA  C    sing N N 107 
PHE CA  CB   sing N N 108 
PHE CA  HA   sing N N 109 
PHE C   O    doub N N 110 
PHE C   OXT  sing N N 111 
PHE CB  CG   sing N N 112 
PHE CB  HB2  sing N N 113 
PHE CB  HB3  sing N N 114 
PHE CG  CD1  doub Y N 115 
PHE CG  CD2  sing Y N 116 
PHE CD1 CE1  sing Y N 117 
PHE CD1 HD1  sing N N 118 
PHE CD2 CE2  doub Y N 119 
PHE CD2 HD2  sing N N 120 
PHE CE1 CZ   doub Y N 121 
PHE CE1 HE1  sing N N 122 
PHE CE2 CZ   sing Y N 123 
PHE CE2 HE2  sing N N 124 
PHE CZ  HZ   sing N N 125 
PHE OXT HXT  sing N N 126 
TRP N   CA   sing N N 127 
TRP N   H    sing N N 128 
TRP N   H2   sing N N 129 
TRP CA  C    sing N N 130 
TRP CA  CB   sing N N 131 
TRP CA  HA   sing N N 132 
TRP C   O    doub N N 133 
TRP C   OXT  sing N N 134 
TRP CB  CG   sing N N 135 
TRP CB  HB2  sing N N 136 
TRP CB  HB3  sing N N 137 
TRP CG  CD1  doub Y N 138 
TRP CG  CD2  sing Y N 139 
TRP CD1 NE1  sing Y N 140 
TRP CD1 HD1  sing N N 141 
TRP CD2 CE2  doub Y N 142 
TRP CD2 CE3  sing Y N 143 
TRP NE1 CE2  sing Y N 144 
TRP NE1 HE1  sing N N 145 
TRP CE2 CZ2  sing Y N 146 
TRP CE3 CZ3  doub Y N 147 
TRP CE3 HE3  sing N N 148 
TRP CZ2 CH2  doub Y N 149 
TRP CZ2 HZ2  sing N N 150 
TRP CZ3 CH2  sing Y N 151 
TRP CZ3 HZ3  sing N N 152 
TRP CH2 HH2  sing N N 153 
TRP OXT HXT  sing N N 154 
TYR N   CA   sing N N 155 
TYR N   H    sing N N 156 
TYR N   H2   sing N N 157 
TYR CA  C    sing N N 158 
TYR CA  CB   sing N N 159 
TYR CA  HA   sing N N 160 
TYR C   O    doub N N 161 
TYR C   OXT  sing N N 162 
TYR CB  CG   sing N N 163 
TYR CB  HB2  sing N N 164 
TYR CB  HB3  sing N N 165 
TYR CG  CD1  doub Y N 166 
TYR CG  CD2  sing Y N 167 
TYR CD1 CE1  sing Y N 168 
TYR CD1 HD1  sing N N 169 
TYR CD2 CE2  doub Y N 170 
TYR CD2 HD2  sing N N 171 
TYR CE1 CZ   doub Y N 172 
TYR CE1 HE1  sing N N 173 
TYR CE2 CZ   sing Y N 174 
TYR CE2 HE2  sing N N 175 
TYR CZ  OH   sing N N 176 
TYR OH  HH   sing N N 177 
TYR OXT HXT  sing N N 178 
# 
_em_3d_crystal_entity.id                    1 
_em_3d_crystal_entity.image_processing_id   1 
_em_3d_crystal_entity.angle_alpha           90 
_em_3d_crystal_entity.angle_beta            115.934 
_em_3d_crystal_entity.angle_gamma           90 
_em_3d_crystal_entity.length_a              43.12 
_em_3d_crystal_entity.length_b              4.84 
_em_3d_crystal_entity.length_c              34.9 
_em_3d_crystal_entity.space_group_name      'C 1 2 1' 
_em_3d_crystal_entity.space_group_num       5 
# 
_em_ctf_correction.id                       1 
_em_ctf_correction.em_image_processing_id   1 
_em_ctf_correction.type                     NONE 
_em_ctf_correction.details                  ? 
# 
_em_diffraction.id                1 
_em_diffraction.camera_length     1500 
_em_diffraction.imaging_id        1 
_em_diffraction.tilt_angle_list   ? 
# 
loop_
_em_diffraction_shell.id 
_em_diffraction_shell.em_diffraction_stats_id 
_em_diffraction_shell.fourier_space_coverage 
_em_diffraction_shell.high_resolution 
_em_diffraction_shell.low_resolution 
_em_diffraction_shell.multiplicity 
_em_diffraction_shell.num_structure_factors 
_em_diffraction_shell.phase_residual 
1  1 1    19.39  3.2341 1     1   .01 
2  1 85.1 3.2341 2.5689 4.572 131 .01 
3  1 92   2.5689 2.2447 4.147 115 .01 
4  1 90.6 2.2447 2.0397 5.06  115 .01 
5  1 91.5 2.0397 1.8937 5.06  130 .01 
6  1 88.4 1.8937 1.7821 4.95  107 .01 
7  1 85.5 1.7821 1.6929 4.22  100 .01 
8  1 69.8 1.6929 1.6193 2.98  74  .01 
9  1 53   1.6193 1.5569 2.77  61  .01 
10 1 51.2 1.5569 1.5032 3.13  66  .01 
# 
_em_diffraction_stats.id                               1 
_em_diffraction_stats.details                          
;Phase
error and phase residual statistics are not routinely reported for
crystallographic structures. No imaging was used. The phases were
obtained by an ab initio crystallographic method described in our
manuscript.
;
_em_diffraction_stats.image_processing_id              1 
_em_diffraction_stats.fourier_space_coverage           75.8 
_em_diffraction_stats.high_resolution                  1.5 
_em_diffraction_stats.num_intensities_measured         4017 
_em_diffraction_stats.num_structure_factors            961 
_em_diffraction_stats.overall_phase_error              19.82 
_em_diffraction_stats.overall_phase_residual           0.01 
_em_diffraction_stats.phase_error_rejection_criteria   0 
_em_diffraction_stats.r_merge                          20.2 
_em_diffraction_stats.r_sym                            20.2 
# 
_em_entity_assembly_molwt.entity_assembly_id   1 
_em_entity_assembly_molwt.id                   1 
_em_entity_assembly_molwt.experimental_flag    YES 
_em_entity_assembly_molwt.units                KILODALTONS/NANOMETER 
_em_entity_assembly_molwt.value                0.1243 
# 
_em_image_processing.id                   1 
_em_image_processing.image_recording_id   1 
_em_image_processing.details              ? 
# 
_em_image_recording.id                            1 
_em_image_recording.imaging_id                    1 
_em_image_recording.avg_electron_dose_per_image   .05 
_em_image_recording.average_exposure_time         ? 
_em_image_recording.details                       ? 
_em_image_recording.detector_mode                 ? 
_em_image_recording.film_or_detector_model        'TVIPS TEMCAM-F416 (4k x 4k)' 
_em_image_recording.num_diffraction_images        ? 
_em_image_recording.num_grids_imaged              ? 
_em_image_recording.num_real_images               ? 
# 
loop_
_em_software.id 
_em_software.category 
_em_software.details 
_em_software.name 
_em_software.version 
_em_software.image_processing_id 
_em_software.fitting_id 
_em_software.imaging_id 
1  'IMAGE ACQUISITION'             ? ? ? ? ? 1 
2  MASKING                         ? ? ? ? ? ? 
3  'CTF CORRECTION'                ? ? ? 1 ? ? 
4  'LAYERLINE INDEXING'            ? ? ? ? ? ? 
5  'DIFFRACTION INDEXING'          ? ? ? ? ? ? 
6  'MODEL FITTING'                 ? ? ? ? 1 ? 
7  OTHER                           ? ? ? ? ? ? 
8  'MODEL REFINEMENT'              ? ? ? ? 1 ? 
9  'MOLECULAR REPLACEMENT'         ? ? ? 1 ? ? 
10 'LATTICE DISTORTION CORRECTION' ? ? ? 1 ? ? 
11 'SYMMETRY DETERMINATION'        ? ? ? 1 ? ? 
12 'CRYSTALLOGRAPHY MERGING'       ? ? ? 1 ? ? 
13 RECONSTRUCTION                  ? ? ? 1 ? ? 
# 
_em_specimen.id                      1 
_em_specimen.experiment_id           1 
_em_specimen.concentration           2 
_em_specimen.details                 ? 
_em_specimen.embedding_applied       NO 
_em_specimen.shadowing_applied       NO 
_em_specimen.staining_applied        NO 
_em_specimen.vitrification_applied   YES 
# 
loop_
_pdbx_audit_support.funding_organization 
_pdbx_audit_support.country 
_pdbx_audit_support.grant_number 
_pdbx_audit_support.ordinal 
'National Science Foundation (NSF, United States)'                                         'United States' DMR-1548924           1 
'Department of Energy (DOE, United States)'                                                'United States' DE-FC02-02ER63421     2 
'National Institutes of Health/National Institute of General Medical Sciences (NIH/NIGMS)' 'United States' GM128867              3 
'National Institutes of Health/National Institute of General Medical Sciences (NIH/NIGMS)' 'United States' P41GM136508           4 
'National Institutes of Health/National Institute of General Medical Sciences (NIH/NIGMS)' 'United States' GM136614              5 
'National Institutes of Health/National Institute of General Medical Sciences (NIH/NIGMS)' 'United States' GM007185              6 
'National Institutes of Health/National Institute of General Medical Sciences (NIH/NIGMS)' 'United States' AI143368              7 
'Sao Paulo Research Foundation (FAPESP)'                                                   'United States' 16/24191-8            8 
'Sao Paulo Research Foundation (FAPESP)'                                                   Brazil          17/13485-3            9 
'Spanish Ministry of Science, Innovation, and Universities'                                'United States' BES-2015-071397       
10 
'Spanish Ministry of Economy and Competitiveness'                                          Spain           PGC2018-101370-B-100, 
11 
'Spanish Ministry of Economy and Competitiveness'                                          Spain           MDM2014-0435-01       
12 
'Other government'                                                                         Spain           '2017SGR- 1192'       
13 
# 
_atom_sites.entry_id                    7N2D 
_atom_sites.Cartn_transf_matrix[1][1]   ? 
_atom_sites.Cartn_transf_matrix[1][2]   ? 
_atom_sites.Cartn_transf_matrix[1][3]   ? 
_atom_sites.Cartn_transf_matrix[2][1]   ? 
_atom_sites.Cartn_transf_matrix[2][2]   ? 
_atom_sites.Cartn_transf_matrix[2][3]   ? 
_atom_sites.Cartn_transf_matrix[3][1]   ? 
_atom_sites.Cartn_transf_matrix[3][2]   ? 
_atom_sites.Cartn_transf_matrix[3][3]   ? 
_atom_sites.Cartn_transf_vector[1]      ? 
_atom_sites.Cartn_transf_vector[2]      ? 
_atom_sites.Cartn_transf_vector[3]      ? 
_atom_sites.fract_transf_matrix[1][1]   -0.01667158 
_atom_sites.fract_transf_matrix[1][2]   -0.01134720 
_atom_sites.fract_transf_matrix[1][3]   -0.01607219 
_atom_sites.fract_transf_matrix[2][1]   -0.11928370 
_atom_sites.fract_transf_matrix[2][2]   0.16863595 
_atom_sites.fract_transf_matrix[2][3]   0.00467278 
_atom_sites.fract_transf_matrix[3][1]   0.00528213 
_atom_sites.fract_transf_matrix[3][2]   0.00459757 
_atom_sites.fract_transf_matrix[3][3]   -0.03108293 
_atom_sites.fract_transf_vector[1]      0.631944 
_atom_sites.fract_transf_vector[2]      -0.163781 
_atom_sites.fract_transf_vector[3]      0.530913 
_atom_sites.solution_primary            ? 
_atom_sites.solution_secondary          ? 
_atom_sites.solution_hydrogens          ? 
_atom_sites.special_details             ? 
# 
loop_
_atom_type.symbol 
C 
N 
O 
S 
# 
loop_
_atom_site.group_PDB 
_atom_site.id 
_atom_site.type_symbol 
_atom_site.label_atom_id 
_atom_site.label_alt_id 
_atom_site.label_comp_id 
_atom_site.label_asym_id 
_atom_site.label_entity_id 
_atom_site.label_seq_id 
_atom_site.pdbx_PDB_ins_code 
_atom_site.Cartn_x 
_atom_site.Cartn_y 
_atom_site.Cartn_z 
_atom_site.occupancy 
_atom_site.B_iso_or_equiv 
_atom_site.pdbx_formal_charge 
_atom_site.auth_seq_id 
_atom_site.auth_comp_id 
_atom_site.auth_asym_id 
_atom_site.auth_atom_id 
_atom_site.pdbx_PDB_model_num 
ATOM   1  N N   . PHE A 1 1 ? -1.881 -2.941 12.798  1.00 10.87 ? 0   PHE A N   1 
ATOM   2  C CA  . PHE A 1 1 ? -2.705 -2.502 11.670  1.00 9.58  ? 0   PHE A CA  1 
ATOM   3  C C   . PHE A 1 1 ? -3.034 -3.646 10.703  1.00 9.09  ? 0   PHE A C   1 
ATOM   4  O O   . PHE A 1 1 ? -2.394 -4.699 10.739  1.00 8.34  ? 0   PHE A O   1 
ATOM   5  C CB  . PHE A 1 1 ? -1.999 -1.374 10.919  1.00 13.59 ? 0   PHE A CB  1 
ATOM   6  C CG  . PHE A 1 1 ? -0.684 -1.770 10.294  1.00 11.05 ? 0   PHE A CG  1 
ATOM   7  C CD1 . PHE A 1 1 ? -0.629 -2.201 8.976   1.00 9.04  ? 0   PHE A CD1 1 
ATOM   8  C CD2 . PHE A 1 1 ? 0.507  -1.646 11.005  1.00 15.45 ? 0   PHE A CD2 1 
ATOM   9  C CE1 . PHE A 1 1 ? 0.587  -2.549 8.388   1.00 21.97 ? 0   PHE A CE1 1 
ATOM   10 C CE2 . PHE A 1 1 ? 1.722  -1.987 10.425  1.00 12.12 ? 0   PHE A CE2 1 
ATOM   11 C CZ  . PHE A 1 1 ? 1.769  -2.432 9.111   1.00 7.25  ? 0   PHE A CZ  1 
ATOM   12 N N   . ARG A 1 2 ? -4.044 -3.458 9.848   1.00 8.22  ? 1   ARG A N   1 
ATOM   13 C CA  . ARG A 1 2 ? -4.371 -4.447 8.827   1.00 6.63  ? 1   ARG A CA  1 
ATOM   14 C C   . ARG A 1 2 ? -4.803 -3.745 7.548   1.00 3.89  ? 1   ARG A C   1 
ATOM   15 O O   . ARG A 1 2 ? -5.421 -2.683 7.602   1.00 6.06  ? 1   ARG A O   1 
ATOM   16 C CB  . ARG A 1 2 ? -5.477 -5.384 9.285   1.00 11.80 ? 1   ARG A CB  1 
ATOM   17 C CG  . ARG A 1 2 ? -5.044 -6.298 10.433  1.00 10.99 ? 1   ARG A CG  1 
ATOM   18 C CD  . ARG A 1 2 ? -6.208 -7.146 10.911  1.00 14.43 ? 1   ARG A CD  1 
ATOM   19 N NE  . ARG A 1 2 ? -5.858 -7.911 12.108  1.00 9.42  ? 1   ARG A NE  1 
ATOM   20 C CZ  . ARG A 1 2 ? -6.736 -8.577 12.855  1.00 10.21 ? 1   ARG A CZ  1 
ATOM   21 N NH1 . ARG A 1 2 ? -6.318 -9.233 13.938  1.00 6.26  ? 1   ARG A NH1 1 
ATOM   22 N NH2 . ARG A 1 2 ? -8.032 -8.597 12.529  1.00 9.62  ? 1   ARG A NH2 1 
ATOM   23 N N   . ASN A 1 3 ? -4.509 -4.368 6.408   1.00 6.86  ? 2   ASN A N   1 
ATOM   24 C CA  . ASN A 1 3 ? -4.843 -3.832 5.085   1.00 9.43  ? 2   ASN A CA  1 
ATOM   25 C C   . ASN A 1 3 ? -4.152 -2.480 4.847   1.00 8.01  ? 2   ASN A C   1 
ATOM   26 O O   . ASN A 1 3 ? -4.769 -1.409 4.867   1.00 5.35  ? 2   ASN A O   1 
ATOM   27 C CB  . ASN A 1 3 ? -6.369 -3.699 4.905   1.00 5.97  ? 2   ASN A CB  1 
ATOM   28 C CG  . ASN A 1 3 ? -7.042 -4.996 4.428   1.00 2.96  ? 2   ASN A CG  1 
ATOM   29 O OD1 . ASN A 1 3 ? -6.442 -6.056 4.429   1.00 5.56  ? 2   ASN A OD1 1 
ATOM   30 N ND2 . ASN A 1 3 ? -8.291 -4.889 4.003   1.00 8.35  ? 2   ASN A ND2 1 
ATOM   31 N N   . TRP A 1 4 ? -2.834 -2.557 4.645   1.00 8.35  ? 3   TRP A N   1 
ATOM   32 C CA  . TRP A 1 4 ? -2.014 -1.446 4.179   1.00 5.47  ? 3   TRP A CA  1 
ATOM   33 C C   . TRP A 1 4 ? -1.627 -1.759 2.737   1.00 3.56  ? 3   TRP A C   1 
ATOM   34 O O   . TRP A 1 4 ? -1.075 -2.830 2.465   1.00 6.24  ? 3   TRP A O   1 
ATOM   35 C CB  . TRP A 1 4 ? -0.773 -1.294 5.071   1.00 7.04  ? 3   TRP A CB  1 
ATOM   36 C CG  . TRP A 1 4 ? 0.106  -0.115 4.799   1.00 12.17 ? 3   TRP A CG  1 
ATOM   37 C CD1 . TRP A 1 4 ? 0.141  1.059  5.507   1.00 15.97 ? 3   TRP A CD1 1 
ATOM   38 C CD2 . TRP A 1 4 ? 1.098  0.013  3.764   1.00 8.14  ? 3   TRP A CD2 1 
ATOM   39 N NE1 . TRP A 1 4 ? 1.091  1.907  4.976   1.00 13.34 ? 3   TRP A NE1 1 
ATOM   40 C CE2 . TRP A 1 4 ? 1.695  1.286  3.912   1.00 7.76  ? 3   TRP A CE2 1 
ATOM   41 C CE3 . TRP A 1 4 ? 1.555  -0.831 2.741   1.00 8.92  ? 3   TRP A CE3 1 
ATOM   42 C CZ2 . TRP A 1 4 ? 2.708  1.749  3.054   1.00 7.81  ? 3   TRP A CZ2 1 
ATOM   43 C CZ3 . TRP A 1 4 ? 2.554  -0.371 1.889   1.00 8.96  ? 3   TRP A CZ3 1 
ATOM   44 C CH2 . TRP A 1 4 ? 3.127  0.902  2.059   1.00 6.95  ? 3   TRP A CH2 1 
ATOM   45 N N   . GLN A 1 5 ? -1.912 -0.843 1.823   1.00 2.62  ? 4   GLN A N   1 
ATOM   46 C CA  . GLN A 1 5 ? -1.777 -1.137 0.395   1.00 2.28  ? 4   GLN A CA  1 
ATOM   47 C C   . GLN A 1 5 ? -1.249 0.080  -0.331  1.00 3.87  ? 4   GLN A C   1 
ATOM   48 O O   . GLN A 1 5 ? -1.847 1.154  -0.245  1.00 2.90  ? 4   GLN A O   1 
ATOM   49 C CB  . GLN A 1 5 ? -3.131 -1.569 -0.214  1.00 5.43  ? 4   GLN A CB  1 
ATOM   50 C CG  . GLN A 1 5 ? -3.159 -1.720 -1.748  1.00 4.69  ? 4   GLN A CG  1 
ATOM   51 C CD  . GLN A 1 5 ? -4.562 -2.073 -2.267  1.00 4.33  ? 4   GLN A CD  1 
ATOM   52 O OE1 . GLN A 1 5 ? -5.402 -1.200 -2.426  1.00 3.14  ? 4   GLN A OE1 1 
ATOM   53 N NE2 . GLN A 1 5 ? -4.812 -3.364 -2.526  1.00 5.41  ? 4   GLN A NE2 1 
ATOM   54 N N   . ALA A 1 6 ? -0.168 -0.099 -1.086  1.00 6.06  ? 5   ALA A N   1 
ATOM   55 C CA  . ALA A 1 6 ? 0.439  1.003  -1.808  1.00 4.71  ? 5   ALA A CA  1 
ATOM   56 C C   . ALA A 1 6 ? 0.916  0.539  -3.168  1.00 3.05  ? 5   ALA A C   1 
ATOM   57 O O   . ALA A 1 6 ? 1.434  -0.569 -3.305  1.00 8.93  ? 5   ALA A O   1 
ATOM   58 C CB  . ALA A 1 6 ? 1.621  1.597  -1.038  1.00 8.33  ? 5   ALA A CB  1 
ATOM   59 N N   . TYR A 1 7 ? 0.765  1.416  -4.150  1.00 4.12  ? 6   TYR A N   1 
ATOM   60 C CA  . TYR A 1 7 ? 1.287  1.206  -5.497  1.00 4.86  ? 6   TYR A CA  1 
ATOM   61 C C   . TYR A 1 7 ? 2.062  2.464  -5.847  1.00 11.54 ? 6   TYR A C   1 
ATOM   62 O O   . TYR A 1 7 ? 1.492  3.560  -5.825  1.00 8.92  ? 6   TYR A O   1 
ATOM   63 C CB  . TYR A 1 7 ? 0.156  0.953  -6.503  1.00 10.24 ? 6   TYR A CB  1 
ATOM   64 C CG  . TYR A 1 7 ? 0.633  0.444  -7.845  1.00 9.58  ? 6   TYR A CG  1 
ATOM   65 C CD1 . TYR A 1 7 ? 1.307  1.285  -8.729  1.00 7.40  ? 6   TYR A CD1 1 
ATOM   66 C CD2 . TYR A 1 7 ? 0.421  -0.879 -8.222  1.00 7.65  ? 6   TYR A CD2 1 
ATOM   67 C CE1 . TYR A 1 7 ? 1.762  0.830  -9.954  1.00 10.80 ? 6   TYR A CE1 1 
ATOM   68 C CE2 . TYR A 1 7 ? 0.878  -1.349 -9.441  1.00 11.89 ? 6   TYR A CE2 1 
ATOM   69 C CZ  . TYR A 1 7 ? 1.545  -0.492 -10.305 1.00 6.75  ? 6   TYR A CZ  1 
ATOM   70 O OH  . TYR A 1 7 ? 2.001  -0.953 -11.513 1.00 9.14  ? 6   TYR A OH  1 
ATOM   71 N N   . MET A 1 8 ? 3.363  2.326  -6.116  1.00 8.15  ? 7   MET A N   1 
ATOM   72 C CA  A MET A 1 8 ? 4.159  3.482  -6.495  0.50 10.84 ? 7   MET A CA  1 
ATOM   73 C CA  B MET A 1 8 ? 4.246  3.445  -6.444  0.50 10.90 ? 7   MET A CA  1 
ATOM   74 C C   . MET A 1 8 ? 4.855  3.238  -7.822  1.00 7.74  ? 7   MET A C   1 
ATOM   75 O O   . MET A 1 8 ? 5.322  2.139  -8.122  1.00 8.29  ? 7   MET A O   1 
ATOM   76 C CB  A MET A 1 8 ? 5.189  3.865  -5.425  0.50 12.62 ? 7   MET A CB  1 
ATOM   77 C CB  B MET A 1 8 ? 5.403  3.573  -5.436  0.50 12.83 ? 7   MET A CB  1 
ATOM   78 C CG  A MET A 1 8 ? 5.998  2.734  -4.868  0.50 13.81 ? 7   MET A CG  1 
ATOM   79 C CG  B MET A 1 8 ? 5.037  4.124  -4.089  0.50 20.26 ? 7   MET A CG  1 
ATOM   80 S SD  A MET A 1 8 ? 6.403  3.082  -3.152  0.50 10.30 ? 7   MET A SD  1 
ATOM   81 S SD  B MET A 1 8 ? 4.077  2.961  -3.116  0.50 9.79  ? 7   MET A SD  1 
ATOM   82 C CE  A MET A 1 8 ? 4.929  2.426  -2.361  0.50 12.27 ? 7   MET A CE  1 
ATOM   83 C CE  B MET A 1 8 ? 5.340  1.903  -2.449  0.50 9.11  ? 7   MET A CE  1 
ATOM   84 N N   . GLN A 1 9 ? 4.901  4.292  -8.626  1.00 4.22  ? 8   GLN A N   1 
ATOM   85 C CA  . GLN A 1 9 ? 5.579  4.228  -9.914  1.00 8.12  ? 8   GLN A CA  1 
ATOM   86 C C   . GLN A 1 9 ? 6.117  5.618  -10.262 1.00 18.68 ? 8   GLN A C   1 
ATOM   87 O O   . GLN A 1 9 ? 6.769  5.827  -11.284 1.00 19.77 ? 8   GLN A O   1 
ATOM   88 C CB  . GLN A 1 9 ? 4.639  3.698  -11.003 1.00 9.11  ? 8   GLN A CB  1 
ATOM   89 C CG  . GLN A 1 9 ? 3.477  4.592  -11.358 1.00 11.64 ? 8   GLN A CG  1 
ATOM   90 C CD  . GLN A 1 9 ? 2.508  3.947  -12.342 1.00 10.55 ? 8   GLN A CD  1 
ATOM   91 O OE1 . GLN A 1 9 ? 2.871  3.031  -13.095 1.00 8.52  ? 8   GLN A OE1 1 
ATOM   92 N NE2 . GLN A 1 9 ? 1.261  4.413  -12.333 1.00 13.25 ? 8   GLN A NE2 1 
ATOM   93 O OXT . GLN A 1 9 ? 5.924  6.576  -9.518  1.00 11.69 ? 8   GLN A OXT 1 
HETATM 94 S S   . DMS B 2 . ? -5.304 -4.359 14.263  1.00 31.59 ? 101 DMS A S   1 
HETATM 95 O O   . DMS B 2 . ? -5.887 -3.868 12.980  1.00 29.95 ? 101 DMS A O   1 
HETATM 96 C C1  . DMS B 2 . ? -6.123 -5.883 14.795  1.00 29.08 ? 101 DMS A C1  1 
HETATM 97 C C2  . DMS B 2 . ? -3.680 -5.072 13.947  1.00 23.85 ? 101 DMS A C2  1 
HETATM 98 O O   . HOH C 3 . ? 7.865  3.881  -12.443 1.00 11.91 ? 201 HOH A O   1 
HETATM 99 O O   . HOH C 3 . ? 0.417  -4.159 13.991  1.00 19.88 ? 202 HOH A O   1 
# 
